data_4MQA
#
_entry.id   4MQA
#
_cell.length_a   78.168
_cell.length_b   78.168
_cell.length_c   165.458
_cell.angle_alpha   90.000
_cell.angle_beta   90.000
_cell.angle_gamma   120.000
#
_symmetry.space_group_name_H-M   'P 31 2 1'
#
loop_
_entity.id
_entity.type
_entity.pdbx_description
1 polymer 'Tryptase alpha/beta-1'
2 non-polymer 'SULFATE ION'
3 non-polymer 'TETRAETHYLENE GLYCOL'
4 non-polymer {(1,1,3,3-tetramethyldisiloxane-1,3-diyl)bis[5-(methylsulfanyl)benzene-3,1-diyl]}bis({4-[3-(aminomethyl)phenyl]piperidin-1-yl}methanone)
5 water water
#
_entity_poly.entity_id   1
_entity_poly.type   'polypeptide(L)'
_entity_poly.pdbx_seq_one_letter_code
;IVGGQEAPRSKWPWQVSLRVHGPYWMHFCGGSLIHPQWVLTAAHCVGPDVKDLAALRVQLREQHLYYQDQLLPVSRIIVH
PQFYTAQIGADIALLELEEPVKVSSHVHTVTLPPASETFPPGMPCWVTGWGDVDNDERLPPPFPLKQVKVPIMENHICDA
KYHLGAYTGDDVRIVRDDMLCAGNTRRDSCQGDSGGPLVCKVNGTWLQAGVVSWGEGCAQPNRPGIYTRVTYYLDWIHHY
VPKKP
;
_entity_poly.pdbx_strand_id   A,B
#
# COMPACT_ATOMS: atom_id res chain seq x y z
N ILE A 1 15.07 -10.89 8.27
CA ILE A 1 16.42 -10.47 7.78
C ILE A 1 16.92 -11.39 6.70
N VAL A 2 17.19 -10.83 5.51
CA VAL A 2 17.78 -11.59 4.38
C VAL A 2 19.30 -11.53 4.39
N GLY A 3 19.98 -12.70 4.37
CA GLY A 3 21.47 -12.72 4.56
C GLY A 3 21.91 -12.60 6.01
N GLY A 4 23.16 -12.23 6.23
CA GLY A 4 23.68 -12.06 7.62
C GLY A 4 23.55 -13.33 8.44
N GLN A 5 23.35 -13.22 9.75
CA GLN A 5 23.53 -14.34 10.66
C GLN A 5 22.81 -14.09 11.95
N GLU A 6 22.79 -15.10 12.83
CA GLU A 6 22.19 -14.96 14.17
CA GLU A 6 22.17 -14.95 14.13
C GLU A 6 23.04 -13.97 14.94
N ALA A 7 22.40 -13.07 15.68
CA ALA A 7 23.15 -12.04 16.42
C ALA A 7 23.73 -12.66 17.69
N PRO A 8 24.97 -12.27 18.07
CA PRO A 8 25.46 -12.68 19.39
C PRO A 8 24.60 -12.04 20.47
N ARG A 9 24.53 -12.73 21.60
CA ARG A 9 23.75 -12.33 22.78
C ARG A 9 24.14 -10.95 23.21
N SER A 10 25.43 -10.64 23.08
CA SER A 10 25.92 -9.41 23.58
C SER A 10 25.58 -8.23 22.66
N LYS A 11 24.81 -8.40 21.59
CA LYS A 11 24.58 -7.25 20.70
C LYS A 11 23.16 -6.80 20.60
N TRP A 12 23.01 -5.52 20.32
CA TRP A 12 21.72 -4.88 20.02
C TRP A 12 20.83 -5.04 21.21
N PRO A 13 21.20 -4.44 22.37
CA PRO A 13 20.44 -4.50 23.60
C PRO A 13 19.15 -3.65 23.59
N TRP A 14 18.99 -2.90 22.51
CA TRP A 14 17.85 -2.03 22.31
C TRP A 14 16.74 -2.62 21.42
N GLN A 15 16.97 -3.78 20.79
CA GLN A 15 15.97 -4.42 19.92
C GLN A 15 14.76 -4.83 20.76
N VAL A 16 13.57 -4.55 20.25
CA VAL A 16 12.35 -5.01 20.83
C VAL A 16 11.46 -5.76 19.81
N SER A 17 10.55 -6.58 20.34
CA SER A 17 9.57 -7.30 19.56
C SER A 17 8.22 -6.81 19.94
N LEU A 18 7.39 -6.50 18.97
CA LEU A 18 6.00 -6.09 19.23
C LEU A 18 5.09 -7.31 19.02
N ARG A 19 4.13 -7.48 19.94
CA ARG A 19 3.27 -8.64 19.92
C ARG A 19 1.82 -8.25 19.90
N VAL A 20 1.06 -8.99 19.11
CA VAL A 20 -0.39 -8.80 19.05
C VAL A 20 -1.06 -10.08 19.59
N HIS A 21 -2.17 -9.90 20.28
CA HIS A 21 -2.88 -10.98 20.99
C HIS A 21 -3.66 -11.76 19.99
N GLY A 22 -3.51 -13.06 19.98
CA GLY A 22 -4.34 -13.94 19.16
C GLY A 22 -4.29 -15.30 19.82
N PRO A 23 -4.20 -16.38 19.02
CA PRO A 23 -4.02 -17.68 19.71
C PRO A 23 -2.80 -17.66 20.59
N TYR A 24 -1.85 -16.74 20.32
CA TYR A 24 -0.66 -16.50 21.18
C TYR A 24 -0.19 -15.04 20.96
N TRP A 25 0.77 -14.59 21.75
CA TRP A 25 1.22 -13.19 21.64
C TRP A 25 2.21 -13.13 20.50
N MET A 26 1.68 -12.92 19.32
CA MET A 26 2.50 -13.12 18.10
C MET A 26 3.30 -11.85 17.67
N HIS A 27 4.56 -12.07 17.32
CA HIS A 27 5.48 -11.05 16.81
C HIS A 27 4.95 -10.52 15.49
N PHE A 28 4.67 -9.23 15.37
CA PHE A 28 4.37 -8.65 14.05
C PHE A 28 5.35 -7.54 13.61
N CYS A 29 6.20 -7.05 14.50
CA CYS A 29 7.10 -5.95 14.10
C CYS A 29 8.20 -5.83 15.12
N GLY A 30 9.27 -5.15 14.72
CA GLY A 30 10.27 -4.71 15.61
C GLY A 30 10.11 -3.26 16.09
N GLY A 31 11.12 -2.89 16.82
CA GLY A 31 11.18 -1.64 17.53
C GLY A 31 12.55 -1.51 18.16
N SER A 32 12.80 -0.33 18.72
CA SER A 32 13.99 -0.07 19.47
C SER A 32 13.63 0.70 20.76
N LEU A 33 14.33 0.37 21.84
CA LEU A 33 14.21 1.13 23.09
C LEU A 33 15.10 2.38 23.00
N ILE A 34 14.49 3.55 23.08
CA ILE A 34 15.20 4.83 23.01
C ILE A 34 15.18 5.57 24.32
N HIS A 35 14.37 5.10 25.26
CA HIS A 35 14.32 5.64 26.62
C HIS A 35 13.69 4.52 27.42
N PRO A 36 13.89 4.54 28.74
CA PRO A 36 13.42 3.41 29.58
C PRO A 36 11.94 3.22 29.50
N GLN A 37 11.22 4.26 29.10
CA GLN A 37 9.76 4.16 29.02
C GLN A 37 9.21 4.32 27.60
N TRP A 38 10.10 4.38 26.62
CA TRP A 38 9.67 4.61 25.19
C TRP A 38 10.32 3.73 24.18
N VAL A 39 9.48 3.24 23.28
CA VAL A 39 9.92 2.44 22.15
C VAL A 39 9.60 3.21 20.87
N LEU A 40 10.54 3.12 19.97
CA LEU A 40 10.50 3.77 18.65
C LEU A 40 10.23 2.65 17.65
N THR A 41 9.19 2.83 16.83
CA THR A 41 8.86 1.85 15.79
C THR A 41 8.34 2.54 14.53
N ALA A 42 7.85 1.76 13.56
CA ALA A 42 7.20 2.29 12.33
C ALA A 42 5.72 2.46 12.57
N ALA A 43 5.15 3.59 12.15
CA ALA A 43 3.71 3.79 12.22
C ALA A 43 2.86 2.75 11.56
N HIS A 44 3.33 2.20 10.46
CA HIS A 44 2.51 1.26 9.72
C HIS A 44 2.39 -0.03 10.53
N CYS A 45 3.22 -0.18 11.56
CA CYS A 45 3.07 -1.34 12.46
C CYS A 45 1.82 -1.25 13.33
N VAL A 46 1.45 -0.03 13.66
CA VAL A 46 0.37 0.25 14.59
C VAL A 46 -0.62 1.27 14.10
N GLY A 47 -0.64 1.51 12.79
CA GLY A 47 -1.55 2.45 12.23
C GLY A 47 -1.69 2.27 10.73
N PRO A 48 -2.37 3.18 10.06
CA PRO A 48 -2.94 4.42 10.55
C PRO A 48 -4.25 4.27 11.36
N ASP A 49 -4.87 3.10 11.41
CA ASP A 49 -6.14 2.98 12.18
C ASP A 49 -5.84 2.80 13.65
N VAL A 50 -6.68 3.38 14.50
CA VAL A 50 -6.48 3.30 15.92
C VAL A 50 -6.66 1.82 16.37
N LYS A 51 -5.72 1.32 17.15
CA LYS A 51 -5.78 -0.04 17.63
C LYS A 51 -6.07 -0.12 19.12
N ASP A 52 -6.48 -1.30 19.57
CA ASP A 52 -6.81 -1.54 20.99
C ASP A 52 -5.52 -1.82 21.69
N LEU A 53 -5.11 -0.93 22.58
CA LEU A 53 -3.85 -1.13 23.38
C LEU A 53 -3.77 -2.47 24.16
N ALA A 54 -4.90 -2.90 24.70
CA ALA A 54 -4.95 -4.13 25.51
C ALA A 54 -4.44 -5.33 24.71
N ALA A 55 -4.58 -5.30 23.36
CA ALA A 55 -4.17 -6.38 22.52
C ALA A 55 -2.71 -6.31 22.11
N LEU A 56 -1.96 -5.41 22.74
CA LEU A 56 -0.60 -5.15 22.33
C LEU A 56 0.36 -5.34 23.49
N ARG A 57 1.51 -5.96 23.22
CA ARG A 57 2.58 -5.98 24.18
C ARG A 57 3.91 -5.79 23.50
N VAL A 58 4.84 -5.35 24.29
CA VAL A 58 6.20 -5.24 23.93
C VAL A 58 7.05 -6.30 24.65
N GLN A 59 8.05 -6.80 23.98
CA GLN A 59 9.03 -7.76 24.54
C GLN A 59 10.40 -7.21 24.27
N LEU A 60 11.20 -7.12 25.31
CA LEU A 60 12.53 -6.50 25.19
C LEU A 60 13.49 -7.54 24.68
N ARG A 61 14.76 -7.15 24.49
CA ARG A 61 15.71 -8.02 23.87
C ARG A 61 15.65 -9.48 24.38
N GLU A 62 15.48 -10.41 23.46
CA GLU A 62 15.36 -11.86 23.65
C GLU A 62 16.28 -12.43 22.54
N GLN A 63 17.02 -13.50 22.82
CA GLN A 63 17.80 -14.15 21.81
C GLN A 63 16.93 -14.97 20.86
N HIS A 64 15.90 -15.60 21.42
CA HIS A 64 14.94 -16.39 20.68
C HIS A 64 13.51 -15.96 20.94
N LEU A 65 12.75 -15.69 19.89
CA LEU A 65 11.40 -15.28 20.13
C LEU A 65 10.63 -16.29 20.87
N TYR A 66 9.77 -15.83 21.79
CA TYR A 66 8.76 -16.65 22.44
C TYR A 66 9.23 -17.50 23.60
N TYR A 67 10.51 -17.85 23.64
CA TYR A 67 10.98 -18.84 24.60
C TYR A 67 11.05 -18.32 26.03
N GLN A 68 11.47 -17.09 26.25
CA GLN A 68 11.47 -16.53 27.61
C GLN A 68 10.80 -15.19 27.71
N ASP A 69 9.61 -15.11 27.16
CA ASP A 69 8.89 -13.86 27.15
C ASP A 69 8.62 -13.26 28.53
N GLN A 70 8.84 -11.95 28.65
CA GLN A 70 8.20 -11.16 29.70
C GLN A 70 7.56 -9.97 29.07
N LEU A 71 6.27 -10.05 28.86
CA LEU A 71 5.62 -9.08 28.05
C LEU A 71 5.23 -7.85 28.88
N LEU A 72 5.39 -6.67 28.32
CA LEU A 72 5.11 -5.37 28.98
C LEU A 72 3.96 -4.71 28.28
N PRO A 73 3.01 -4.24 29.06
CA PRO A 73 1.92 -3.52 28.41
C PRO A 73 2.31 -2.07 28.04
N VAL A 74 1.47 -1.46 27.25
CA VAL A 74 1.73 -0.16 26.65
C VAL A 74 0.64 0.79 27.08
N SER A 75 0.99 1.98 27.54
CA SER A 75 -0.09 2.95 27.91
C SER A 75 -0.52 3.84 26.77
N ARG A 76 0.37 4.07 25.81
CA ARG A 76 0.09 5.06 24.77
C ARG A 76 0.73 4.71 23.42
N ILE A 77 0.02 4.95 22.35
CA ILE A 77 0.59 4.84 20.97
C ILE A 77 0.49 6.23 20.35
N ILE A 78 1.63 6.80 20.01
CA ILE A 78 1.71 8.08 19.31
C ILE A 78 2.21 7.84 17.90
N VAL A 79 1.36 8.11 16.93
CA VAL A 79 1.71 7.89 15.52
C VAL A 79 1.90 9.24 14.84
N HIS A 80 2.91 9.35 14.00
CA HIS A 80 3.21 10.64 13.41
C HIS A 80 1.97 11.14 12.69
N PRO A 81 1.49 12.34 12.99
CA PRO A 81 0.24 12.72 12.35
C PRO A 81 0.25 12.83 10.78
N GLN A 82 1.39 12.91 10.15
CA GLN A 82 1.43 12.81 8.69
C GLN A 82 1.46 11.43 8.12
N PHE A 83 1.42 10.42 8.97
CA PHE A 83 1.43 9.09 8.47
C PHE A 83 0.10 8.65 7.94
N TYR A 84 0.11 8.10 6.71
CA TYR A 84 -0.99 7.38 6.17
C TYR A 84 -0.50 6.10 5.49
N THR A 85 0.55 6.19 4.66
CA THR A 85 1.24 5.00 4.21
C THR A 85 2.70 5.23 4.21
N ALA A 86 3.42 4.11 4.12
CA ALA A 86 4.86 4.18 4.12
C ALA A 86 5.45 4.79 2.88
N GLN A 87 4.77 4.64 1.72
CA GLN A 87 5.30 5.19 0.48
C GLN A 87 5.14 6.74 0.49
N ILE A 88 4.15 7.25 1.22
CA ILE A 88 3.98 8.69 1.35
C ILE A 88 5.00 9.24 2.29
N GLY A 89 5.11 8.57 3.45
CA GLY A 89 6.25 8.78 4.37
C GLY A 89 5.76 9.04 5.81
N ALA A 90 6.62 9.65 6.61
CA ALA A 90 6.43 9.83 8.06
C ALA A 90 6.07 8.45 8.69
N ASP A 91 6.71 7.38 8.22
CA ASP A 91 6.48 6.05 8.79
C ASP A 91 7.22 5.89 10.14
N ILE A 92 6.63 6.48 11.18
CA ILE A 92 7.31 6.51 12.46
C ILE A 92 6.28 6.68 13.57
N ALA A 93 6.53 5.99 14.69
CA ALA A 93 5.64 5.95 15.84
C ALA A 93 6.38 5.67 17.16
N LEU A 94 5.73 6.03 18.24
CA LEU A 94 6.26 5.81 19.59
C LEU A 94 5.30 5.03 20.43
N LEU A 95 5.85 4.12 21.21
CA LEU A 95 5.09 3.34 22.20
C LEU A 95 5.55 3.75 23.56
N GLU A 96 4.65 4.27 24.36
CA GLU A 96 5.01 4.56 25.77
C GLU A 96 4.64 3.32 26.68
N LEU A 97 5.61 2.79 27.41
CA LEU A 97 5.35 1.68 28.34
C LEU A 97 4.65 2.20 29.59
N GLU A 98 3.94 1.33 30.28
CA GLU A 98 3.28 1.71 31.53
C GLU A 98 4.24 1.92 32.65
N GLU A 99 5.40 1.29 32.56
CA GLU A 99 6.44 1.52 33.52
C GLU A 99 7.76 1.65 32.81
N PRO A 100 8.63 2.43 33.40
CA PRO A 100 9.98 2.43 32.93
C PRO A 100 10.59 1.07 33.22
N VAL A 101 11.47 0.68 32.34
CA VAL A 101 12.12 -0.60 32.37
C VAL A 101 13.48 -0.42 33.08
N LYS A 102 14.01 -1.46 33.71
CA LYS A 102 15.35 -1.38 34.26
C LYS A 102 16.35 -1.75 33.20
N VAL A 103 17.46 -1.02 33.14
CA VAL A 103 18.38 -1.21 32.06
C VAL A 103 19.56 -1.97 32.59
N SER A 104 20.21 -2.69 31.71
CA SER A 104 21.40 -3.49 32.03
C SER A 104 22.25 -3.53 30.79
N SER A 105 23.35 -4.26 30.86
CA SER A 105 24.28 -4.31 29.77
C SER A 105 23.61 -5.04 28.60
N HIS A 106 22.66 -5.91 28.89
CA HIS A 106 22.02 -6.66 27.88
C HIS A 106 20.70 -6.04 27.43
N VAL A 107 20.09 -5.17 28.22
CA VAL A 107 18.90 -4.46 27.78
C VAL A 107 19.06 -2.95 28.10
N HIS A 108 19.23 -2.13 27.05
CA HIS A 108 19.35 -0.70 27.25
C HIS A 108 19.05 0.07 25.94
N THR A 109 19.11 1.39 25.99
CA THR A 109 18.55 2.24 24.98
C THR A 109 19.56 2.38 23.87
N VAL A 110 19.08 2.76 22.68
CA VAL A 110 20.00 3.20 21.58
C VAL A 110 20.08 4.69 21.54
N THR A 111 21.21 5.23 21.09
CA THR A 111 21.37 6.70 20.94
C THR A 111 20.77 7.22 19.64
N LEU A 112 19.96 8.26 19.71
CA LEU A 112 19.50 8.92 18.48
C LEU A 112 20.64 9.77 17.89
N PRO A 113 20.63 9.98 16.56
CA PRO A 113 21.63 10.83 15.88
C PRO A 113 21.40 12.33 16.10
N PRO A 114 22.48 13.13 16.10
CA PRO A 114 22.25 14.57 15.99
C PRO A 114 21.70 14.88 14.65
N ALA A 115 20.92 15.93 14.60
CA ALA A 115 20.15 16.31 13.40
C ALA A 115 20.96 16.38 12.11
N SER A 116 22.23 16.70 12.21
CA SER A 116 23.00 16.94 11.03
C SER A 116 23.70 15.70 10.51
N GLU A 117 23.57 14.52 11.13
CA GLU A 117 24.25 13.33 10.55
C GLU A 117 23.53 12.88 9.28
N THR A 118 24.23 12.58 8.19
CA THR A 118 23.55 12.17 6.93
C THR A 118 23.61 10.68 6.58
N PHE A 119 24.54 9.99 7.21
CA PHE A 119 24.74 8.59 6.98
C PHE A 119 25.01 8.33 5.51
N PRO A 120 26.16 8.83 5.04
CA PRO A 120 26.54 8.66 3.64
C PRO A 120 26.98 7.24 3.35
N PRO A 121 27.10 6.88 2.04
CA PRO A 121 27.54 5.56 1.60
C PRO A 121 28.87 5.23 2.19
N GLY A 122 29.08 3.95 2.46
CA GLY A 122 30.30 3.49 3.09
C GLY A 122 30.28 3.55 4.61
N MET A 123 29.26 4.09 5.23
CA MET A 123 29.23 3.93 6.68
C MET A 123 28.90 2.48 7.04
N PRO A 124 29.49 1.95 8.15
CA PRO A 124 29.15 0.56 8.52
C PRO A 124 27.80 0.54 9.27
N CYS A 125 26.78 -0.13 8.69
CA CYS A 125 25.41 -0.12 9.28
C CYS A 125 24.82 -1.50 9.29
N TRP A 126 24.13 -1.83 10.38
CA TRP A 126 23.49 -3.15 10.54
C TRP A 126 21.98 -2.99 10.74
N VAL A 127 21.21 -3.96 10.26
CA VAL A 127 19.79 -3.96 10.58
C VAL A 127 19.52 -5.27 11.26
N THR A 128 18.57 -5.27 12.17
CA THR A 128 18.26 -6.45 12.97
C THR A 128 16.78 -6.76 13.07
N GLY A 129 16.45 -8.04 13.28
CA GLY A 129 15.07 -8.38 13.54
C GLY A 129 14.81 -9.85 13.39
N TRP A 130 13.56 -10.16 13.61
CA TRP A 130 13.04 -11.52 13.54
C TRP A 130 12.08 -11.73 12.35
N GLY A 131 12.22 -10.93 11.30
CA GLY A 131 11.46 -11.21 10.11
C GLY A 131 11.93 -12.31 9.18
N ASP A 132 11.17 -12.39 8.09
CA ASP A 132 11.40 -13.34 7.03
C ASP A 132 12.82 -13.33 6.55
N VAL A 133 13.31 -14.52 6.22
CA VAL A 133 14.67 -14.65 5.73
C VAL A 133 14.77 -14.58 4.20
N ASP A 134 13.63 -14.51 3.52
CA ASP A 134 13.56 -14.23 2.06
C ASP A 134 12.12 -13.92 1.71
N ASN A 135 11.81 -13.55 0.48
CA ASN A 135 10.38 -13.30 0.16
C ASN A 135 9.46 -14.49 0.53
N ASP A 136 8.38 -14.22 1.25
CA ASP A 136 7.42 -15.26 1.68
C ASP A 136 8.12 -16.49 2.33
N GLU A 137 9.18 -16.26 3.09
CA GLU A 137 9.88 -17.34 3.78
C GLU A 137 10.12 -16.94 5.24
N ARG A 138 9.36 -17.52 6.15
CA ARG A 138 9.48 -17.17 7.55
C ARG A 138 10.77 -17.59 8.23
N LEU A 139 11.19 -16.80 9.19
CA LEU A 139 12.21 -17.18 10.14
C LEU A 139 11.83 -18.54 10.80
N PRO A 140 12.69 -19.55 10.74
CA PRO A 140 12.35 -20.83 11.37
C PRO A 140 12.44 -20.86 12.88
N PRO A 141 11.68 -21.73 13.54
CA PRO A 141 12.03 -22.03 14.96
C PRO A 141 13.47 -22.44 15.05
N PRO A 142 14.15 -22.07 16.14
CA PRO A 142 13.75 -21.40 17.36
C PRO A 142 13.76 -19.84 17.29
N PHE A 143 13.69 -19.27 16.08
CA PHE A 143 13.51 -17.81 15.86
C PHE A 143 14.61 -16.99 16.49
N PRO A 144 15.84 -17.25 16.09
CA PRO A 144 16.93 -16.44 16.58
C PRO A 144 16.86 -15.02 15.98
N LEU A 145 17.17 -14.01 16.79
CA LEU A 145 17.43 -12.66 16.30
C LEU A 145 18.53 -12.64 15.25
N LYS A 146 18.22 -12.11 14.08
CA LYS A 146 19.24 -11.96 13.07
C LYS A 146 19.76 -10.49 12.91
N GLN A 147 20.93 -10.36 12.28
CA GLN A 147 21.57 -9.10 11.95
C GLN A 147 22.10 -9.26 10.55
N VAL A 148 22.16 -8.16 9.83
CA VAL A 148 22.92 -8.21 8.59
C VAL A 148 23.50 -6.84 8.33
N LYS A 149 24.75 -6.84 7.93
CA LYS A 149 25.41 -5.60 7.59
C LYS A 149 24.93 -5.15 6.20
N VAL A 150 24.46 -3.91 6.11
CA VAL A 150 23.91 -3.45 4.86
C VAL A 150 24.56 -2.16 4.39
N PRO A 151 24.93 -2.10 3.08
CA PRO A 151 25.46 -0.86 2.49
C PRO A 151 24.38 0.21 2.30
N ILE A 152 24.65 1.39 2.81
CA ILE A 152 23.86 2.55 2.54
C ILE A 152 24.07 3.06 1.10
N MET A 153 22.98 3.45 0.45
CA MET A 153 23.13 4.09 -0.86
C MET A 153 22.42 5.41 -0.80
N GLU A 154 23.01 6.40 -1.46
CA GLU A 154 22.49 7.76 -1.55
C GLU A 154 21.04 7.82 -2.06
N ASN A 155 20.23 8.74 -1.54
CA ASN A 155 18.85 8.79 -1.91
C ASN A 155 18.60 8.92 -3.43
N HIS A 156 19.32 9.80 -4.14
CA HIS A 156 19.05 10.01 -5.57
C HIS A 156 19.42 8.75 -6.37
N ILE A 157 20.38 7.99 -5.94
CA ILE A 157 20.71 6.75 -6.64
C ILE A 157 19.63 5.69 -6.38
N CYS A 158 19.16 5.63 -5.15
CA CYS A 158 18.13 4.69 -4.79
C CYS A 158 16.84 5.01 -5.52
N ASP A 159 16.47 6.28 -5.55
CA ASP A 159 15.28 6.74 -6.27
C ASP A 159 15.43 6.40 -7.74
N ALA A 160 16.60 6.64 -8.33
CA ALA A 160 16.77 6.30 -9.75
C ALA A 160 16.61 4.77 -9.92
N LYS A 161 17.23 3.97 -9.07
CA LYS A 161 16.98 2.51 -9.14
C LYS A 161 15.50 2.12 -9.12
N TYR A 162 14.72 2.74 -8.25
CA TYR A 162 13.34 2.38 -8.11
C TYR A 162 12.52 2.69 -9.38
N HIS A 163 13.05 3.60 -10.19
CA HIS A 163 12.46 3.99 -11.49
C HIS A 163 12.76 3.03 -12.58
N LEU A 164 13.84 2.30 -12.44
CA LEU A 164 14.23 1.29 -13.40
C LEU A 164 13.22 0.14 -13.44
N GLY A 165 12.69 -0.18 -14.63
CA GLY A 165 11.66 -1.22 -14.76
C GLY A 165 10.32 -0.66 -14.38
N ALA A 166 10.19 0.67 -14.28
CA ALA A 166 8.89 1.23 -13.86
C ALA A 166 8.25 2.20 -14.82
N TYR A 167 6.94 2.39 -14.73
CA TYR A 167 6.28 3.37 -15.58
C TYR A 167 6.38 4.76 -15.00
N THR A 168 6.66 4.84 -13.69
CA THR A 168 6.61 6.10 -13.03
C THR A 168 7.61 7.05 -13.68
N GLY A 169 7.20 8.29 -13.87
CA GLY A 169 8.14 9.32 -14.43
C GLY A 169 9.42 9.54 -13.65
N ASP A 170 10.53 9.70 -14.36
CA ASP A 170 11.81 9.99 -13.67
C ASP A 170 11.82 11.20 -12.71
N ASP A 171 10.98 12.18 -12.95
CA ASP A 171 10.98 13.34 -12.07
C ASP A 171 9.93 13.18 -11.00
N VAL A 172 9.28 12.01 -10.96
CA VAL A 172 8.31 11.78 -9.90
C VAL A 172 9.05 10.99 -8.84
N ARG A 173 9.32 11.63 -7.71
CA ARG A 173 10.26 11.08 -6.74
C ARG A 173 9.59 9.96 -6.00
N ILE A 174 10.26 8.81 -5.91
CA ILE A 174 9.73 7.64 -5.23
C ILE A 174 10.26 7.57 -3.81
N VAL A 175 11.57 7.61 -3.69
CA VAL A 175 12.26 7.60 -2.43
C VAL A 175 12.32 9.05 -1.90
N ARG A 176 11.52 9.35 -0.87
CA ARG A 176 11.39 10.70 -0.36
C ARG A 176 12.59 11.13 0.52
N ASP A 177 12.62 12.42 0.87
CA ASP A 177 13.76 12.96 1.57
C ASP A 177 13.77 12.52 3.02
N ASP A 178 12.62 12.24 3.58
CA ASP A 178 12.51 11.70 4.93
C ASP A 178 12.75 10.16 4.95
N MET A 179 13.27 9.62 3.85
CA MET A 179 13.66 8.21 3.83
C MET A 179 15.15 8.02 3.61
N LEU A 180 15.61 6.79 3.81
CA LEU A 180 17.02 6.43 3.70
C LEU A 180 17.01 5.10 3.03
N CYS A 181 18.00 4.79 2.18
CA CYS A 181 18.04 3.50 1.50
C CYS A 181 19.23 2.70 1.90
N ALA A 182 19.00 1.39 2.09
CA ALA A 182 20.10 0.48 2.33
C ALA A 182 19.75 -0.94 1.92
N GLY A 183 20.78 -1.67 1.52
CA GLY A 183 20.69 -3.07 1.17
C GLY A 183 21.02 -3.39 -0.28
N ASN A 184 21.09 -4.67 -0.58
CA ASN A 184 21.29 -5.09 -1.96
C ASN A 184 20.60 -6.47 -2.13
N THR A 185 20.90 -7.20 -3.19
CA THR A 185 20.23 -8.45 -3.48
C THR A 185 20.67 -9.62 -2.56
N ARG A 186 21.67 -9.42 -1.72
CA ARG A 186 22.13 -10.42 -0.76
C ARG A 186 21.79 -10.05 0.70
N ARG A 187 21.53 -8.79 0.95
CA ARG A 187 21.48 -8.27 2.32
C ARG A 187 20.34 -7.29 2.42
N ASP A 188 19.33 -7.59 3.23
CA ASP A 188 18.19 -6.71 3.32
C ASP A 188 17.38 -7.05 4.55
N SER A 189 16.46 -6.14 4.87
CA SER A 189 15.42 -6.38 5.83
C SER A 189 14.20 -6.90 5.09
N CYS A 190 13.24 -7.43 5.84
CA CYS A 190 12.08 -8.04 5.22
C CYS A 190 10.91 -7.97 6.12
N GLN A 191 9.80 -8.48 5.68
CA GLN A 191 8.53 -8.46 6.40
C GLN A 191 8.70 -9.05 7.80
N GLY A 192 8.17 -8.39 8.83
CA GLY A 192 8.41 -8.77 10.24
C GLY A 192 9.60 -8.06 10.89
N ASP A 193 10.45 -7.43 10.07
CA ASP A 193 11.53 -6.58 10.52
C ASP A 193 11.10 -5.12 10.66
N SER A 194 9.97 -4.76 10.05
CA SER A 194 9.43 -3.38 10.09
C SER A 194 9.42 -2.85 11.45
N GLY A 195 9.72 -1.57 11.57
CA GLY A 195 9.72 -0.91 12.85
C GLY A 195 11.03 -1.06 13.63
N GLY A 196 11.86 -2.00 13.21
CA GLY A 196 13.15 -2.20 13.87
C GLY A 196 14.24 -1.21 13.38
N PRO A 197 15.42 -1.24 14.03
CA PRO A 197 16.45 -0.27 13.86
C PRO A 197 17.45 -0.64 12.81
N LEU A 198 17.79 0.37 12.04
CA LEU A 198 19.00 0.40 11.28
C LEU A 198 19.96 1.28 12.09
N VAL A 199 21.11 0.71 12.43
CA VAL A 199 22.08 1.41 13.26
C VAL A 199 23.47 1.49 12.65
N CYS A 200 24.11 2.64 12.79
CA CYS A 200 25.48 2.82 12.30
C CYS A 200 26.39 3.31 13.42
N LYS A 201 27.63 2.88 13.33
CA LYS A 201 28.66 3.15 14.29
C LYS A 201 29.41 4.36 13.75
N VAL A 202 29.26 5.47 14.45
CA VAL A 202 29.87 6.74 14.07
C VAL A 202 30.75 7.20 15.21
N ASN A 203 32.04 7.34 14.96
CA ASN A 203 32.92 7.93 15.98
C ASN A 203 32.79 7.20 17.30
N GLY A 204 32.81 5.87 17.21
CA GLY A 204 32.74 5.00 18.38
C GLY A 204 31.34 4.71 18.95
N THR A 205 30.31 5.46 18.53
CA THR A 205 28.99 5.37 19.16
C THR A 205 27.98 4.77 18.19
N TRP A 206 27.19 3.81 18.67
CA TRP A 206 26.12 3.28 17.84
C TRP A 206 24.94 4.27 17.77
N LEU A 207 24.50 4.63 16.56
CA LEU A 207 23.39 5.60 16.39
C LEU A 207 22.31 5.03 15.52
N GLN A 208 21.04 5.27 15.88
CA GLN A 208 19.97 4.79 15.01
C GLN A 208 19.74 5.75 13.84
N ALA A 209 20.13 5.33 12.65
CA ALA A 209 19.91 6.07 11.42
C ALA A 209 18.50 5.92 10.81
N GLY A 210 17.93 4.72 10.95
CA GLY A 210 16.66 4.38 10.32
C GLY A 210 15.72 3.47 11.13
N VAL A 211 14.45 3.49 10.72
CA VAL A 211 13.43 2.51 11.13
C VAL A 211 13.03 1.73 9.89
N VAL A 212 12.96 0.40 9.97
CA VAL A 212 12.55 -0.42 8.83
C VAL A 212 11.18 -0.05 8.40
N SER A 213 11.03 0.37 7.12
CA SER A 213 9.77 0.87 6.66
C SER A 213 9.11 0.09 5.54
N TRP A 214 9.73 0.04 4.36
CA TRP A 214 9.15 -0.66 3.21
C TRP A 214 10.15 -0.97 2.13
N GLY A 215 9.63 -1.56 1.06
CA GLY A 215 10.41 -1.77 -0.17
C GLY A 215 9.52 -2.54 -1.10
N GLU A 216 10.03 -2.80 -2.30
CA GLU A 216 9.43 -3.77 -3.16
C GLU A 216 10.06 -5.13 -2.91
N GLY A 217 9.28 -5.97 -2.22
CA GLY A 217 9.83 -7.23 -1.78
C GLY A 217 11.10 -7.02 -0.95
N CYS A 218 11.89 -8.08 -0.91
CA CYS A 218 13.09 -8.17 -0.09
C CYS A 218 14.18 -8.64 -1.02
N ALA A 219 15.32 -7.99 -0.93
CA ALA A 219 16.52 -8.28 -1.70
C ALA A 219 16.35 -8.53 -3.22
N GLN A 220 15.36 -7.88 -3.84
CA GLN A 220 15.20 -7.88 -5.30
C GLN A 220 16.15 -6.89 -6.03
N PRO A 221 16.48 -7.19 -7.30
CA PRO A 221 17.39 -6.31 -8.06
C PRO A 221 16.80 -4.92 -8.18
N ASN A 222 17.65 -3.92 -8.05
CA ASN A 222 17.22 -2.50 -8.11
C ASN A 222 16.07 -2.07 -7.17
N ARG A 223 15.91 -2.80 -6.07
CA ARG A 223 14.89 -2.44 -5.13
C ARG A 223 15.40 -2.55 -3.72
N PRO A 224 16.32 -1.67 -3.34
CA PRO A 224 16.86 -1.72 -1.96
C PRO A 224 15.86 -1.35 -0.88
N GLY A 225 16.20 -1.72 0.34
CA GLY A 225 15.37 -1.42 1.50
C GLY A 225 15.22 0.05 1.77
N ILE A 226 14.02 0.44 2.13
CA ILE A 226 13.72 1.79 2.47
C ILE A 226 13.44 1.98 4.00
N TYR A 227 14.00 3.02 4.59
CA TYR A 227 13.92 3.21 6.03
C TYR A 227 13.43 4.58 6.28
N THR A 228 12.68 4.78 7.35
CA THR A 228 12.40 6.11 7.81
C THR A 228 13.68 6.73 8.33
N ARG A 229 14.02 7.92 7.82
CA ARG A 229 15.22 8.68 8.20
C ARG A 229 15.00 9.34 9.58
N VAL A 230 15.63 8.84 10.64
CA VAL A 230 15.36 9.34 12.00
C VAL A 230 15.68 10.85 12.20
N THR A 231 16.76 11.34 11.60
CA THR A 231 17.09 12.77 11.71
C THR A 231 15.93 13.66 11.34
N TYR A 232 15.11 13.31 10.37
CA TYR A 232 13.97 14.16 10.04
C TYR A 232 12.92 14.27 11.12
N TYR A 233 12.91 13.35 12.11
CA TYR A 233 11.82 13.22 13.07
C TYR A 233 12.26 13.51 14.52
N LEU A 234 13.49 13.99 14.70
CA LEU A 234 14.02 14.22 16.08
C LEU A 234 13.20 15.19 16.87
N ASP A 235 12.73 16.29 16.27
CA ASP A 235 11.93 17.27 17.04
C ASP A 235 10.60 16.67 17.44
N TRP A 236 9.99 15.93 16.54
CA TRP A 236 8.74 15.26 16.87
C TRP A 236 8.97 14.26 18.04
N ILE A 237 10.03 13.49 17.98
CA ILE A 237 10.36 12.51 19.02
C ILE A 237 10.52 13.23 20.36
N HIS A 238 11.26 14.33 20.35
CA HIS A 238 11.58 15.05 21.59
C HIS A 238 10.42 15.84 22.13
N HIS A 239 9.35 15.95 21.40
CA HIS A 239 8.18 16.50 21.94
C HIS A 239 7.56 15.55 22.96
N TYR A 240 7.79 14.25 22.80
CA TYR A 240 7.22 13.24 23.70
C TYR A 240 8.25 12.57 24.59
N VAL A 241 9.47 12.38 24.12
CA VAL A 241 10.44 11.57 24.87
C VAL A 241 11.47 12.44 25.57
N PRO A 242 11.54 12.39 26.91
CA PRO A 242 12.59 13.18 27.61
C PRO A 242 13.97 12.83 27.16
N LYS A 243 14.88 13.79 27.24
CA LYS A 243 16.28 13.60 26.87
C LYS A 243 17.19 12.92 27.91
N ILE B 1 -17.81 -7.00 -6.11
CA ILE B 1 -18.98 -6.18 -5.72
C ILE B 1 -19.62 -6.70 -4.42
N VAL B 2 -19.70 -5.83 -3.40
CA VAL B 2 -20.31 -6.20 -2.14
C VAL B 2 -21.71 -5.61 -2.08
N GLY B 3 -22.66 -6.46 -1.69
CA GLY B 3 -24.08 -6.09 -1.54
C GLY B 3 -24.76 -5.84 -2.85
N GLY B 4 -24.22 -6.37 -3.92
CA GLY B 4 -24.82 -6.22 -5.24
C GLY B 4 -25.71 -7.39 -5.72
N GLN B 5 -26.15 -7.31 -6.96
CA GLN B 5 -26.83 -8.44 -7.61
C GLN B 5 -26.25 -8.60 -8.99
N GLU B 6 -26.64 -9.67 -9.60
CA GLU B 6 -26.18 -10.04 -10.91
C GLU B 6 -26.81 -9.08 -11.82
N ALA B 7 -26.03 -8.64 -12.79
CA ALA B 7 -26.47 -7.67 -13.76
C ALA B 7 -27.31 -8.35 -14.79
N PRO B 8 -28.43 -7.70 -15.21
CA PRO B 8 -29.13 -8.13 -16.42
C PRO B 8 -28.19 -8.09 -17.60
N ARG B 9 -28.37 -8.98 -18.57
CA ARG B 9 -27.53 -9.04 -19.76
C ARG B 9 -27.56 -7.84 -20.69
N SER B 10 -28.62 -7.04 -20.65
CA SER B 10 -28.69 -5.80 -21.49
C SER B 10 -27.81 -4.64 -21.02
N LYS B 11 -27.29 -4.71 -19.79
CA LYS B 11 -26.66 -3.56 -19.13
C LYS B 11 -25.18 -3.63 -19.05
N TRP B 12 -24.58 -2.46 -18.83
CA TRP B 12 -23.17 -2.31 -18.68
C TRP B 12 -22.45 -2.89 -19.90
N PRO B 13 -22.86 -2.51 -21.09
CA PRO B 13 -22.21 -3.02 -22.33
C PRO B 13 -20.75 -2.58 -22.53
N TRP B 14 -20.27 -1.67 -21.68
CA TRP B 14 -18.88 -1.19 -21.70
C TRP B 14 -17.88 -1.96 -20.82
N GLN B 15 -18.39 -2.85 -19.99
CA GLN B 15 -17.58 -3.47 -18.94
C GLN B 15 -16.60 -4.38 -19.63
N VAL B 16 -15.35 -4.40 -19.17
CA VAL B 16 -14.40 -5.38 -19.65
C VAL B 16 -13.67 -6.09 -18.49
N SER B 17 -13.14 -7.28 -18.78
CA SER B 17 -12.36 -8.04 -17.80
C SER B 17 -10.94 -8.12 -18.29
N LEU B 18 -9.98 -7.79 -17.45
CA LEU B 18 -8.55 -8.01 -17.81
C LEU B 18 -8.04 -9.36 -17.36
N ARG B 19 -7.22 -10.01 -18.19
CA ARG B 19 -6.85 -11.38 -18.00
C ARG B 19 -5.34 -11.50 -18.04
N VAL B 20 -4.81 -12.34 -17.15
CA VAL B 20 -3.37 -12.56 -17.07
C VAL B 20 -3.07 -14.02 -17.33
N HIS B 21 -2.00 -14.28 -18.05
CA HIS B 21 -1.66 -15.68 -18.38
C HIS B 21 -1.14 -16.49 -17.17
N GLY B 22 -1.83 -17.55 -16.78
CA GLY B 22 -1.24 -18.58 -15.90
C GLY B 22 -1.72 -19.95 -16.33
N PRO B 23 -2.14 -20.78 -15.37
CA PRO B 23 -2.78 -22.06 -15.73
C PRO B 23 -4.04 -21.83 -16.56
N TYR B 24 -4.66 -20.67 -16.38
CA TYR B 24 -5.71 -20.20 -17.28
C TYR B 24 -5.67 -18.66 -17.38
N TRP B 25 -6.50 -18.08 -18.24
CA TRP B 25 -6.55 -16.58 -18.44
C TRP B 25 -7.40 -15.97 -17.32
N MET B 26 -6.73 -15.73 -16.20
CA MET B 26 -7.43 -15.36 -15.01
C MET B 26 -7.77 -13.88 -14.97
N HIS B 27 -8.98 -13.59 -14.55
CA HIS B 27 -9.39 -12.24 -14.27
C HIS B 27 -8.66 -11.67 -13.10
N PHE B 28 -8.10 -10.46 -13.23
CA PHE B 28 -7.49 -9.76 -12.11
C PHE B 28 -8.01 -8.29 -11.90
N CYS B 29 -8.69 -7.74 -12.90
CA CYS B 29 -9.16 -6.36 -12.88
C CYS B 29 -10.22 -6.14 -13.92
N GLY B 30 -11.00 -5.10 -13.70
CA GLY B 30 -11.95 -4.65 -14.65
C GLY B 30 -11.37 -3.52 -15.44
N GLY B 31 -12.19 -3.05 -16.37
CA GLY B 31 -11.90 -1.91 -17.24
C GLY B 31 -13.22 -1.44 -17.90
N SER B 32 -13.10 -0.41 -18.71
CA SER B 32 -14.28 0.13 -19.41
C SER B 32 -13.89 0.46 -20.85
N LEU B 33 -14.75 0.09 -21.80
CA LEU B 33 -14.45 0.41 -23.20
C LEU B 33 -14.84 1.90 -23.47
N ILE B 34 -13.87 2.79 -23.74
CA ILE B 34 -14.23 4.26 -23.90
C ILE B 34 -14.07 4.76 -25.35
N HIS B 35 -13.71 3.85 -26.23
CA HIS B 35 -13.49 4.12 -27.63
C HIS B 35 -13.43 2.70 -28.19
N PRO B 36 -13.70 2.54 -29.50
CA PRO B 36 -13.62 1.18 -30.05
C PRO B 36 -12.26 0.51 -29.93
N GLN B 37 -11.20 1.27 -29.75
CA GLN B 37 -9.91 0.61 -29.64
C GLN B 37 -9.26 0.85 -28.27
N TRP B 38 -10.00 1.47 -27.35
CA TRP B 38 -9.37 1.83 -26.07
C TRP B 38 -10.17 1.43 -24.85
N VAL B 39 -9.45 0.83 -23.90
CA VAL B 39 -9.91 0.51 -22.57
C VAL B 39 -9.30 1.41 -21.51
N LEU B 40 -10.17 1.95 -20.68
CA LEU B 40 -9.77 2.71 -19.50
C LEU B 40 -9.75 1.80 -18.26
N THR B 41 -8.64 1.85 -17.50
CA THR B 41 -8.49 1.05 -16.26
C THR B 41 -7.66 1.78 -15.19
N ALA B 42 -7.32 1.06 -14.15
CA ALA B 42 -6.51 1.61 -13.06
C ALA B 42 -5.08 1.25 -13.29
N ALA B 43 -4.17 2.21 -13.08
CA ALA B 43 -2.71 1.95 -13.16
C ALA B 43 -2.20 0.82 -12.28
N HIS B 44 -2.68 0.75 -11.04
CA HIS B 44 -2.21 -0.25 -10.08
C HIS B 44 -2.52 -1.67 -10.55
N CYS B 45 -3.51 -1.82 -11.43
CA CYS B 45 -3.78 -3.13 -12.09
C CYS B 45 -2.63 -3.59 -12.93
N VAL B 46 -1.82 -2.67 -13.45
CA VAL B 46 -0.79 -3.05 -14.44
C VAL B 46 0.60 -2.47 -14.16
N GLY B 47 0.74 -1.64 -13.12
CA GLY B 47 2.01 -1.02 -12.73
C GLY B 47 2.06 -0.95 -11.20
N PRO B 48 3.02 -0.23 -10.64
CA PRO B 48 3.98 0.62 -11.32
C PRO B 48 5.05 -0.09 -12.10
N ASP B 49 5.30 -1.36 -11.80
CA ASP B 49 6.33 -2.09 -12.51
C ASP B 49 5.84 -2.57 -13.90
N VAL B 50 6.70 -2.43 -14.88
CA VAL B 50 6.38 -2.82 -16.23
C VAL B 50 6.28 -4.35 -16.35
N LYS B 51 5.17 -4.82 -16.85
CA LYS B 51 5.01 -6.26 -17.07
C LYS B 51 4.79 -6.54 -18.56
N ASP B 52 4.92 -7.80 -18.90
CA ASP B 52 4.93 -8.30 -20.25
C ASP B 52 3.55 -8.14 -20.89
N LEU B 53 3.50 -7.54 -22.08
CA LEU B 53 2.23 -7.35 -22.79
C LEU B 53 1.61 -8.63 -23.28
N ALA B 54 2.43 -9.58 -23.69
CA ALA B 54 1.96 -10.90 -24.16
C ALA B 54 1.19 -11.74 -23.09
N ALA B 55 1.42 -11.43 -21.82
CA ALA B 55 0.77 -12.13 -20.74
C ALA B 55 -0.54 -11.48 -20.44
N LEU B 56 -0.94 -10.46 -21.18
CA LEU B 56 -2.19 -9.77 -20.88
C LEU B 56 -3.22 -9.94 -22.00
N ARG B 57 -4.51 -10.05 -21.66
CA ARG B 57 -5.61 -9.98 -22.62
C ARG B 57 -6.82 -9.25 -22.05
N VAL B 58 -7.68 -8.85 -22.98
CA VAL B 58 -8.89 -8.20 -22.65
C VAL B 58 -10.07 -9.04 -23.08
N GLN B 59 -11.07 -9.05 -22.21
CA GLN B 59 -12.30 -9.75 -22.55
C GLN B 59 -13.38 -8.70 -22.41
N LEU B 60 -14.20 -8.57 -23.45
CA LEU B 60 -15.32 -7.65 -23.50
C LEU B 60 -16.54 -8.18 -22.81
N ARG B 61 -17.58 -7.38 -22.80
CA ARG B 61 -18.75 -7.72 -21.99
C ARG B 61 -19.14 -9.20 -22.08
N GLU B 62 -19.32 -9.82 -20.92
CA GLU B 62 -19.54 -11.24 -20.75
C GLU B 62 -20.47 -11.39 -19.57
N GLN B 63 -21.43 -12.28 -19.60
CA GLN B 63 -22.28 -12.43 -18.44
C GLN B 63 -21.54 -13.24 -17.33
N HIS B 64 -20.80 -14.25 -17.77
CA HIS B 64 -20.13 -15.19 -16.84
C HIS B 64 -18.70 -15.31 -17.25
N LEU B 65 -17.81 -15.02 -16.34
CA LEU B 65 -16.39 -15.17 -16.68
C LEU B 65 -16.07 -16.56 -17.13
N TYR B 66 -15.23 -16.63 -18.12
CA TYR B 66 -14.52 -17.85 -18.55
C TYR B 66 -15.31 -18.75 -19.52
N TYR B 67 -16.62 -18.56 -19.57
CA TYR B 67 -17.53 -19.50 -20.24
C TYR B 67 -17.40 -19.42 -21.72
N GLN B 68 -17.51 -18.22 -22.24
CA GLN B 68 -17.42 -18.13 -23.66
C GLN B 68 -16.54 -17.01 -24.00
N ASP B 69 -15.29 -17.07 -23.55
CA ASP B 69 -14.39 -15.96 -23.73
C ASP B 69 -14.10 -15.82 -25.19
N GLN B 70 -13.73 -14.62 -25.59
CA GLN B 70 -13.04 -14.31 -26.82
C GLN B 70 -12.01 -13.25 -26.45
N LEU B 71 -10.79 -13.68 -26.28
CA LEU B 71 -9.79 -12.89 -25.64
C LEU B 71 -9.08 -12.03 -26.69
N LEU B 72 -8.93 -10.72 -26.41
CA LEU B 72 -8.34 -9.73 -27.34
C LEU B 72 -6.93 -9.31 -26.88
N PRO B 73 -5.96 -9.35 -27.79
CA PRO B 73 -4.63 -8.91 -27.42
C PRO B 73 -4.56 -7.38 -27.31
N VAL B 74 -3.52 -6.90 -26.62
CA VAL B 74 -3.33 -5.52 -26.29
C VAL B 74 -2.05 -5.13 -26.96
N SER B 75 -2.06 -3.97 -27.64
CA SER B 75 -0.85 -3.48 -28.30
C SER B 75 -0.08 -2.49 -27.44
N ARG B 76 -0.75 -1.86 -26.48
CA ARG B 76 -0.05 -0.92 -25.62
C ARG B 76 -0.71 -0.64 -24.30
N ILE B 77 0.14 -0.61 -23.29
CA ILE B 77 -0.26 -0.18 -21.93
C ILE B 77 0.25 1.24 -21.69
N ILE B 78 -0.64 2.18 -21.39
CA ILE B 78 -0.18 3.52 -21.02
C ILE B 78 -0.49 3.81 -19.58
N VAL B 79 0.53 3.93 -18.74
CA VAL B 79 0.27 4.13 -17.32
C VAL B 79 0.52 5.60 -16.97
N HIS B 80 -0.39 6.26 -16.27
CA HIS B 80 -0.08 7.65 -15.92
C HIS B 80 1.34 7.76 -15.30
N PRO B 81 2.22 8.59 -15.88
CA PRO B 81 3.56 8.69 -15.33
C PRO B 81 3.69 9.23 -13.90
N GLN B 82 2.63 9.78 -13.30
CA GLN B 82 2.65 10.14 -11.88
C GLN B 82 2.33 8.99 -10.92
N PHE B 83 1.80 7.88 -11.43
CA PHE B 83 1.39 6.78 -10.58
C PHE B 83 2.57 6.08 -9.92
N TYR B 84 2.47 5.90 -8.62
CA TYR B 84 3.26 4.88 -7.97
C TYR B 84 2.38 4.00 -7.02
N THR B 85 1.49 4.58 -6.22
CA THR B 85 0.49 3.80 -5.52
C THR B 85 -0.81 4.54 -5.54
N ALA B 86 -1.87 3.79 -5.32
CA ALA B 86 -3.21 4.35 -5.41
C ALA B 86 -3.46 5.44 -4.35
N GLN B 87 -2.79 5.34 -3.20
CA GLN B 87 -3.07 6.27 -2.10
C GLN B 87 -2.47 7.64 -2.42
N ILE B 88 -1.45 7.67 -3.26
CA ILE B 88 -0.82 8.90 -3.67
C ILE B 88 -1.62 9.45 -4.85
N GLY B 89 -2.06 8.57 -5.75
CA GLY B 89 -3.06 8.97 -6.75
C GLY B 89 -2.61 8.73 -8.17
N ALA B 90 -3.32 9.34 -9.13
CA ALA B 90 -3.02 9.15 -10.57
C ALA B 90 -3.12 7.66 -10.95
N ASP B 91 -4.12 7.00 -10.34
CA ASP B 91 -4.35 5.57 -10.53
C ASP B 91 -5.22 5.40 -11.78
N ILE B 92 -4.59 5.48 -12.93
CA ILE B 92 -5.37 5.50 -14.14
C ILE B 92 -4.46 5.06 -15.23
N ALA B 93 -5.01 4.26 -16.14
CA ALA B 93 -4.24 3.73 -17.25
C ALA B 93 -5.16 3.43 -18.45
N LEU B 94 -4.51 3.32 -19.58
CA LEU B 94 -5.18 3.05 -20.87
C LEU B 94 -4.55 1.80 -21.49
N LEU B 95 -5.41 0.93 -22.02
CA LEU B 95 -4.97 -0.15 -22.85
C LEU B 95 -5.47 0.09 -24.27
N GLU B 96 -4.53 0.06 -25.20
CA GLU B 96 -4.87 0.16 -26.62
C GLU B 96 -4.93 -1.25 -27.19
N LEU B 97 -6.08 -1.61 -27.72
CA LEU B 97 -6.30 -2.96 -28.31
C LEU B 97 -5.60 -3.00 -29.63
N GLU B 98 -5.22 -4.19 -30.04
CA GLU B 98 -4.64 -4.41 -31.36
C GLU B 98 -5.59 -4.07 -32.49
N GLU B 99 -6.89 -4.16 -32.24
CA GLU B 99 -7.93 -3.92 -33.23
C GLU B 99 -9.07 -3.14 -32.63
N PRO B 100 -9.72 -2.30 -33.42
CA PRO B 100 -11.00 -1.75 -33.02
C PRO B 100 -11.99 -2.87 -32.87
N VAL B 101 -12.85 -2.78 -31.88
CA VAL B 101 -13.94 -3.71 -31.71
C VAL B 101 -15.08 -3.33 -32.69
N LYS B 102 -15.74 -4.34 -33.30
CA LYS B 102 -17.02 -4.12 -34.04
C LYS B 102 -18.18 -3.92 -33.07
N VAL B 103 -18.38 -2.65 -32.68
CA VAL B 103 -19.37 -2.21 -31.69
C VAL B 103 -20.79 -2.71 -32.03
N SER B 104 -21.63 -2.85 -31.00
CA SER B 104 -22.96 -3.42 -31.15
C SER B 104 -23.93 -3.14 -29.94
N SER B 105 -25.05 -3.84 -29.96
CA SER B 105 -26.07 -3.76 -28.92
C SER B 105 -25.48 -4.26 -27.60
N HIS B 106 -24.89 -5.47 -27.64
CA HIS B 106 -24.25 -6.11 -26.48
C HIS B 106 -22.93 -5.43 -26.03
N VAL B 107 -22.11 -5.00 -26.97
CA VAL B 107 -20.85 -4.33 -26.66
C VAL B 107 -20.82 -2.90 -27.17
N HIS B 108 -20.67 -1.92 -26.26
CA HIS B 108 -20.34 -0.56 -26.70
C HIS B 108 -19.76 0.35 -25.65
N THR B 109 -19.29 1.49 -26.13
CA THR B 109 -18.49 2.38 -25.31
C THR B 109 -19.33 3.13 -24.32
N VAL B 110 -18.66 3.54 -23.25
CA VAL B 110 -19.29 4.38 -22.25
C VAL B 110 -18.88 5.83 -22.57
N THR B 111 -19.73 6.78 -22.27
CA THR B 111 -19.42 8.19 -22.46
C THR B 111 -18.72 8.79 -21.22
N LEU B 112 -17.62 9.49 -21.48
CA LEU B 112 -16.90 10.25 -20.44
C LEU B 112 -17.53 11.62 -20.21
N PRO B 113 -17.55 12.08 -18.96
CA PRO B 113 -18.15 13.36 -18.67
C PRO B 113 -17.36 14.51 -19.35
N PRO B 114 -18.03 15.63 -19.62
CA PRO B 114 -17.24 16.86 -19.82
C PRO B 114 -16.46 17.30 -18.54
N ALA B 115 -15.37 17.99 -18.80
CA ALA B 115 -14.50 18.54 -17.77
C ALA B 115 -15.24 19.30 -16.68
N SER B 116 -16.33 19.95 -17.02
CA SER B 116 -17.08 20.73 -16.03
C SER B 116 -18.04 19.93 -15.14
N GLU B 117 -18.34 18.68 -15.50
CA GLU B 117 -19.34 17.90 -14.77
C GLU B 117 -19.17 17.88 -13.24
N THR B 118 -20.15 18.39 -12.54
CA THR B 118 -20.16 18.23 -11.12
C THR B 118 -21.24 17.21 -10.84
N PHE B 119 -20.79 15.98 -10.60
CA PHE B 119 -21.62 14.92 -10.09
C PHE B 119 -21.99 15.25 -8.67
N PRO B 120 -23.24 15.62 -8.44
CA PRO B 120 -23.57 16.01 -7.07
C PRO B 120 -23.50 14.93 -5.97
N PRO B 121 -23.01 15.30 -4.78
CA PRO B 121 -23.18 14.42 -3.65
C PRO B 121 -24.56 13.84 -3.58
N GLY B 122 -24.64 12.54 -3.28
CA GLY B 122 -25.92 11.83 -3.19
C GLY B 122 -26.40 11.24 -4.50
N MET B 123 -25.96 11.75 -5.64
CA MET B 123 -26.40 11.16 -6.92
C MET B 123 -26.26 9.61 -6.95
N PRO B 124 -27.28 8.92 -7.43
CA PRO B 124 -27.11 7.47 -7.43
C PRO B 124 -26.31 7.00 -8.64
N CYS B 125 -25.16 6.38 -8.35
CA CYS B 125 -24.32 5.83 -9.38
C CYS B 125 -24.18 4.30 -9.23
N TRP B 126 -23.61 3.68 -10.25
CA TRP B 126 -23.49 2.26 -10.30
C TRP B 126 -22.06 1.83 -10.57
N VAL B 127 -21.64 0.80 -9.82
CA VAL B 127 -20.32 0.18 -10.06
C VAL B 127 -20.54 -1.27 -10.30
N THR B 128 -19.81 -1.78 -11.25
CA THR B 128 -19.95 -3.14 -11.75
C THR B 128 -18.62 -3.88 -11.81
N GLY B 129 -18.71 -5.20 -11.75
CA GLY B 129 -17.49 -6.00 -11.80
C GLY B 129 -17.63 -7.45 -11.33
N TRP B 130 -16.54 -8.19 -11.45
CA TRP B 130 -16.48 -9.58 -11.02
C TRP B 130 -15.57 -9.81 -9.81
N GLY B 131 -15.38 -8.77 -9.01
CA GLY B 131 -14.57 -8.90 -7.81
C GLY B 131 -15.26 -9.58 -6.64
N ASP B 132 -14.53 -9.61 -5.52
CA ASP B 132 -14.97 -10.17 -4.26
C ASP B 132 -16.33 -9.63 -3.77
N VAL B 133 -17.12 -10.52 -3.21
CA VAL B 133 -18.49 -10.24 -2.73
C VAL B 133 -18.45 -9.79 -1.28
N ASP B 134 -17.29 -9.90 -0.65
CA ASP B 134 -17.00 -9.31 0.67
C ASP B 134 -15.48 -9.43 0.92
N ASN B 135 -15.02 -8.96 2.05
CA ASN B 135 -13.57 -9.05 2.35
C ASN B 135 -13.07 -10.50 2.28
N ASP B 136 -12.05 -10.74 1.49
CA ASP B 136 -11.48 -12.06 1.31
C ASP B 136 -12.51 -13.15 0.95
N GLU B 137 -13.57 -12.76 0.24
CA GLU B 137 -14.55 -13.72 -0.20
C GLU B 137 -14.74 -13.56 -1.72
N ARG B 138 -14.22 -14.50 -2.48
N ARG B 138 -14.21 -14.51 -2.48
CA ARG B 138 -14.24 -14.41 -3.95
CA ARG B 138 -14.31 -14.47 -3.94
C ARG B 138 -15.64 -14.64 -4.55
C ARG B 138 -15.74 -14.49 -4.47
N LEU B 139 -15.90 -14.02 -5.71
CA LEU B 139 -17.14 -14.18 -6.43
C LEU B 139 -17.22 -15.69 -6.77
N PRO B 140 -18.31 -16.36 -6.41
CA PRO B 140 -18.43 -17.80 -6.69
C PRO B 140 -18.63 -18.10 -8.14
N PRO B 141 -18.25 -19.30 -8.58
CA PRO B 141 -18.75 -19.76 -9.86
C PRO B 141 -20.30 -19.74 -9.89
N PRO B 142 -20.91 -19.45 -11.04
CA PRO B 142 -20.27 -19.23 -12.36
C PRO B 142 -19.82 -17.74 -12.68
N PHE B 143 -19.52 -16.95 -11.66
CA PHE B 143 -18.83 -15.67 -11.86
C PHE B 143 -19.69 -14.71 -12.72
N PRO B 144 -20.91 -14.45 -12.29
CA PRO B 144 -21.78 -13.54 -12.98
C PRO B 144 -21.25 -12.10 -12.76
N LEU B 145 -21.39 -11.23 -13.76
CA LEU B 145 -21.08 -9.82 -13.58
C LEU B 145 -22.04 -9.25 -12.54
N LYS B 146 -21.52 -8.59 -11.52
CA LYS B 146 -22.38 -7.90 -10.55
C LYS B 146 -22.45 -6.33 -10.71
N GLN B 147 -23.49 -5.78 -10.09
CA GLN B 147 -23.78 -4.38 -10.12
C GLN B 147 -24.22 -4.03 -8.73
N VAL B 148 -23.91 -2.80 -8.33
CA VAL B 148 -24.45 -2.28 -7.09
C VAL B 148 -24.62 -0.75 -7.22
N LYS B 149 -25.67 -0.25 -6.61
CA LYS B 149 -25.92 1.19 -6.58
C LYS B 149 -25.21 1.80 -5.41
N VAL B 150 -24.40 2.82 -5.66
CA VAL B 150 -23.61 3.44 -4.59
C VAL B 150 -23.75 4.96 -4.67
N PRO B 151 -24.08 5.62 -3.54
CA PRO B 151 -24.19 7.09 -3.55
C PRO B 151 -22.79 7.77 -3.58
N ILE B 152 -22.54 8.63 -4.57
CA ILE B 152 -21.39 9.57 -4.54
C ILE B 152 -21.41 10.38 -3.27
N MET B 153 -20.23 10.76 -2.81
CA MET B 153 -20.19 11.71 -1.70
C MET B 153 -19.09 12.73 -1.97
N GLU B 154 -19.13 13.81 -1.23
CA GLU B 154 -18.15 14.85 -1.34
C GLU B 154 -16.81 14.37 -0.72
N ASN B 155 -15.72 14.71 -1.40
CA ASN B 155 -14.38 14.42 -0.96
C ASN B 155 -14.17 14.90 0.47
N HIS B 156 -14.70 16.07 0.81
CA HIS B 156 -14.51 16.60 2.14
C HIS B 156 -15.09 15.63 3.18
N ILE B 157 -16.24 15.06 2.87
CA ILE B 157 -16.87 14.12 3.79
C ILE B 157 -16.13 12.78 3.83
N CYS B 158 -15.69 12.35 2.66
CA CYS B 158 -15.04 11.08 2.59
C CYS B 158 -13.66 11.15 3.30
N ASP B 159 -12.90 12.23 3.06
CA ASP B 159 -11.69 12.52 3.82
C ASP B 159 -11.93 12.48 5.34
N ALA B 160 -12.97 13.17 5.81
CA ALA B 160 -13.22 13.22 7.25
C ALA B 160 -13.62 11.82 7.80
N LYS B 161 -14.30 11.01 7.00
CA LYS B 161 -14.58 9.68 7.43
C LYS B 161 -13.30 8.83 7.60
N TYR B 162 -12.40 8.90 6.62
CA TYR B 162 -11.14 8.20 6.68
C TYR B 162 -10.33 8.55 7.92
N HIS B 163 -10.55 9.76 8.47
CA HIS B 163 -9.80 10.22 9.61
C HIS B 163 -10.44 9.76 10.94
N LEU B 164 -11.70 9.34 10.93
CA LEU B 164 -12.33 8.76 12.12
C LEU B 164 -11.72 7.41 12.46
N GLY B 165 -11.28 7.26 13.71
CA GLY B 165 -10.65 6.03 14.15
C GLY B 165 -9.26 5.91 13.50
N ALA B 166 -8.65 7.07 13.22
CA ALA B 166 -7.33 7.09 12.61
C ALA B 166 -6.41 8.01 13.35
N TYR B 167 -5.10 7.74 13.34
CA TYR B 167 -4.10 8.63 13.94
C TYR B 167 -3.75 9.81 13.00
N THR B 168 -4.04 9.68 11.70
CA THR B 168 -3.59 10.68 10.71
C THR B 168 -4.16 12.02 11.11
N GLY B 169 -3.36 13.05 11.08
CA GLY B 169 -3.85 14.36 11.50
C GLY B 169 -5.00 14.84 10.65
N ASP B 170 -5.94 15.52 11.29
CA ASP B 170 -7.18 15.95 10.59
C ASP B 170 -6.93 16.89 9.40
N ASP B 171 -5.93 17.74 9.49
CA ASP B 171 -5.50 18.60 8.35
C ASP B 171 -4.64 17.86 7.30
N VAL B 172 -4.34 16.59 7.50
CA VAL B 172 -3.51 15.86 6.53
C VAL B 172 -4.44 15.11 5.62
N ARG B 173 -4.34 15.38 4.33
CA ARG B 173 -5.33 14.92 3.39
C ARG B 173 -5.12 13.44 3.05
N ILE B 174 -6.19 12.65 3.10
CA ILE B 174 -6.09 11.21 2.80
C ILE B 174 -6.76 11.05 1.45
N VAL B 175 -8.01 11.55 1.31
CA VAL B 175 -8.68 11.50 0.01
C VAL B 175 -8.33 12.73 -0.77
N ARG B 176 -7.76 12.56 -1.96
CA ARG B 176 -7.19 13.71 -2.67
C ARG B 176 -8.10 14.18 -3.76
N ASP B 177 -7.73 15.31 -4.37
CA ASP B 177 -8.58 15.94 -5.39
C ASP B 177 -8.66 15.16 -6.66
N ASP B 178 -7.68 14.34 -6.99
CA ASP B 178 -7.92 13.46 -8.15
C ASP B 178 -8.74 12.17 -7.82
N MET B 179 -9.37 12.13 -6.64
CA MET B 179 -10.16 10.96 -6.23
C MET B 179 -11.62 11.37 -6.00
N LEU B 180 -12.47 10.35 -5.96
CA LEU B 180 -13.90 10.48 -5.73
C LEU B 180 -14.35 9.25 -4.91
N CYS B 181 -15.28 9.45 -3.98
CA CYS B 181 -15.72 8.40 -3.08
C CYS B 181 -17.17 8.06 -3.25
N ALA B 182 -17.46 6.82 -2.90
CA ALA B 182 -18.82 6.30 -2.97
C ALA B 182 -18.90 4.98 -2.24
N GLY B 183 -20.09 4.67 -1.74
CA GLY B 183 -20.35 3.45 -1.03
C GLY B 183 -20.50 3.58 0.47
N ASN B 184 -20.83 2.47 1.11
CA ASN B 184 -21.21 2.45 2.51
C ASN B 184 -21.01 0.99 3.02
N THR B 185 -21.42 0.68 4.25
CA THR B 185 -21.19 -0.66 4.83
C THR B 185 -22.01 -1.76 4.20
N ARG B 186 -22.92 -1.40 3.30
CA ARG B 186 -23.68 -2.42 2.58
C ARG B 186 -23.31 -2.54 1.09
N ARG B 187 -22.77 -1.47 0.52
CA ARG B 187 -22.59 -1.39 -0.91
C ARG B 187 -21.21 -0.79 -1.26
N ASP B 188 -20.46 -1.50 -2.10
CA ASP B 188 -19.08 -1.14 -2.38
C ASP B 188 -18.50 -2.01 -3.47
N SER B 189 -17.42 -1.51 -4.02
CA SER B 189 -16.57 -2.27 -4.92
C SER B 189 -15.55 -2.97 -4.03
N CYS B 190 -14.78 -3.88 -4.61
CA CYS B 190 -13.84 -4.69 -3.82
C CYS B 190 -12.72 -5.23 -4.70
N GLN B 191 -11.86 -6.04 -4.11
CA GLN B 191 -10.70 -6.61 -4.82
C GLN B 191 -11.15 -7.35 -6.06
N GLY B 192 -10.49 -7.12 -7.20
CA GLY B 192 -10.90 -7.65 -8.51
C GLY B 192 -11.94 -6.82 -9.27
N ASP B 193 -12.53 -5.83 -8.60
CA ASP B 193 -13.31 -4.81 -9.29
C ASP B 193 -12.43 -3.64 -9.77
N SER B 194 -11.24 -3.51 -9.20
CA SER B 194 -10.26 -2.53 -9.58
C SER B 194 -10.17 -2.31 -11.08
N GLY B 195 -10.10 -1.01 -11.47
CA GLY B 195 -9.99 -0.61 -12.84
C GLY B 195 -11.34 -0.40 -13.53
N GLY B 196 -12.37 -0.93 -12.92
CA GLY B 196 -13.72 -0.94 -13.42
C GLY B 196 -14.49 0.35 -13.18
N PRO B 197 -15.65 0.43 -13.82
CA PRO B 197 -16.32 1.72 -13.95
C PRO B 197 -17.28 2.08 -12.87
N LEU B 198 -17.22 3.34 -12.40
CA LEU B 198 -18.34 3.92 -11.65
C LEU B 198 -19.05 4.87 -12.62
N VAL B 199 -20.31 4.54 -12.91
CA VAL B 199 -21.12 5.32 -13.82
C VAL B 199 -22.36 5.92 -13.16
N CYS B 200 -22.71 7.13 -13.60
CA CYS B 200 -23.91 7.83 -13.14
C CYS B 200 -24.76 8.29 -14.37
N LYS B 201 -26.05 8.13 -14.25
CA LYS B 201 -26.96 8.56 -15.30
C LYS B 201 -27.32 10.02 -15.07
N VAL B 202 -26.85 10.90 -15.93
CA VAL B 202 -26.97 12.36 -15.68
C VAL B 202 -27.84 12.92 -16.80
N ASN B 203 -28.98 13.49 -16.36
CA ASN B 203 -30.02 13.97 -17.25
C ASN B 203 -30.20 13.01 -18.41
N GLY B 204 -30.32 11.72 -18.05
CA GLY B 204 -30.59 10.66 -18.97
C GLY B 204 -29.42 10.06 -19.73
N THR B 205 -28.15 10.41 -19.42
CA THR B 205 -26.99 9.79 -20.11
C THR B 205 -25.97 9.21 -19.14
N TRP B 206 -25.55 7.97 -19.44
CA TRP B 206 -24.62 7.21 -18.59
C TRP B 206 -23.25 7.81 -18.80
N LEU B 207 -22.73 8.45 -17.74
CA LEU B 207 -21.36 9.00 -17.75
C LEU B 207 -20.40 8.22 -16.80
N GLN B 208 -19.18 7.94 -17.22
CA GLN B 208 -18.17 7.44 -16.29
C GLN B 208 -17.50 8.47 -15.38
N ALA B 209 -17.94 8.48 -14.13
CA ALA B 209 -17.41 9.36 -13.09
C ALA B 209 -16.11 8.92 -12.43
N GLY B 210 -15.92 7.60 -12.31
CA GLY B 210 -14.81 7.06 -11.52
C GLY B 210 -14.20 5.77 -12.07
N VAL B 211 -12.97 5.52 -11.66
CA VAL B 211 -12.32 4.24 -11.90
C VAL B 211 -12.10 3.61 -10.50
N VAL B 212 -12.52 2.36 -10.33
CA VAL B 212 -12.28 1.66 -9.02
C VAL B 212 -10.81 1.70 -8.67
N SER B 213 -10.45 2.28 -7.53
CA SER B 213 -9.01 2.39 -7.23
C SER B 213 -8.60 1.70 -5.90
N TRP B 214 -9.09 2.15 -4.75
CA TRP B 214 -8.67 1.57 -3.49
C TRP B 214 -9.68 1.83 -2.37
N GLY B 215 -9.33 1.36 -1.17
CA GLY B 215 -10.16 1.53 0.01
C GLY B 215 -9.46 0.87 1.16
N GLU B 216 -9.90 1.14 2.36
CA GLU B 216 -9.50 0.23 3.45
C GLU B 216 -10.51 -0.93 3.49
N GLY B 217 -10.12 -2.04 2.88
CA GLY B 217 -11.03 -3.18 2.75
C GLY B 217 -12.28 -2.78 1.99
N CYS B 218 -13.38 -3.51 2.21
CA CYS B 218 -14.61 -3.33 1.42
C CYS B 218 -15.76 -3.25 2.40
N ALA B 219 -16.59 -2.25 2.23
CA ALA B 219 -17.81 -2.10 3.00
C ALA B 219 -17.57 -2.03 4.50
N GLN B 220 -16.44 -1.48 4.92
CA GLN B 220 -16.16 -1.27 6.35
C GLN B 220 -16.69 0.12 6.79
N PRO B 221 -16.99 0.27 8.10
CA PRO B 221 -17.47 1.51 8.74
C PRO B 221 -16.52 2.68 8.47
N ASN B 222 -17.06 3.78 7.97
CA ASN B 222 -16.30 4.98 7.69
C ASN B 222 -15.12 4.84 6.73
N ARG B 223 -15.25 3.89 5.83
CA ARG B 223 -14.16 3.70 4.86
C ARG B 223 -14.77 3.46 3.49
N PRO B 224 -15.39 4.49 2.92
CA PRO B 224 -15.99 4.36 1.58
C PRO B 224 -14.97 3.97 0.50
N GLY B 225 -15.47 3.35 -0.55
CA GLY B 225 -14.71 3.12 -1.78
C GLY B 225 -14.14 4.37 -2.41
N ILE B 226 -12.88 4.26 -2.80
CA ILE B 226 -12.21 5.36 -3.44
C ILE B 226 -11.93 5.02 -4.89
N TYR B 227 -12.17 6.04 -5.74
CA TYR B 227 -12.16 5.94 -7.18
C TYR B 227 -11.35 7.08 -7.72
N THR B 228 -10.66 6.81 -8.81
CA THR B 228 -9.95 7.81 -9.51
C THR B 228 -11.03 8.68 -10.21
N ARG B 229 -10.92 9.99 -10.08
CA ARG B 229 -11.93 10.92 -10.54
C ARG B 229 -11.69 11.22 -12.02
N VAL B 230 -12.63 10.79 -12.87
CA VAL B 230 -12.36 10.80 -14.30
C VAL B 230 -12.19 12.26 -14.85
N THR B 231 -13.04 13.18 -14.43
CA THR B 231 -12.90 14.58 -14.89
C THR B 231 -11.50 15.10 -14.66
N TYR B 232 -10.84 14.67 -13.57
CA TYR B 232 -9.51 15.16 -13.29
C TYR B 232 -8.50 14.80 -14.37
N TYR B 233 -8.63 13.65 -14.97
CA TYR B 233 -7.62 13.19 -15.96
C TYR B 233 -8.12 13.21 -17.41
N LEU B 234 -9.24 13.90 -17.63
CA LEU B 234 -9.78 14.05 -18.98
C LEU B 234 -8.77 14.47 -20.02
N ASP B 235 -7.97 15.50 -19.74
CA ASP B 235 -7.00 15.94 -20.75
C ASP B 235 -5.96 14.91 -21.06
N TRP B 236 -5.51 14.18 -20.03
CA TRP B 236 -4.51 13.11 -20.29
C TRP B 236 -5.10 11.97 -21.10
N ILE B 237 -6.34 11.64 -20.76
CA ILE B 237 -7.03 10.58 -21.53
C ILE B 237 -7.15 11.01 -23.01
N HIS B 238 -7.59 12.25 -23.22
CA HIS B 238 -7.76 12.78 -24.60
C HIS B 238 -6.47 13.06 -25.31
N HIS B 239 -5.35 12.98 -24.62
CA HIS B 239 -4.09 13.13 -25.26
C HIS B 239 -3.87 11.95 -26.15
N TYR B 240 -4.44 10.80 -25.76
CA TYR B 240 -4.25 9.54 -26.50
C TYR B 240 -5.51 9.00 -27.14
N VAL B 241 -6.66 9.35 -26.61
CA VAL B 241 -7.86 8.69 -27.06
C VAL B 241 -8.72 9.67 -27.84
N PRO B 242 -8.93 9.39 -29.16
CA PRO B 242 -9.73 10.27 -30.06
C PRO B 242 -11.12 10.57 -29.53
N LYS B 243 -11.63 11.76 -29.85
CA LYS B 243 -13.06 12.10 -29.73
C LYS B 243 -13.83 11.63 -30.97
#